data_5VXV
#
_entry.id   5VXV
#
_cell.length_a   47.690
_cell.length_b   58.840
_cell.length_c   85.780
_cell.angle_alpha   90.00
_cell.angle_beta   90.00
_cell.angle_gamma   90.00
#
_symmetry.space_group_name_H-M   'P 21 21 21'
#
loop_
_entity.id
_entity.type
_entity.pdbx_description
1 polymer 'Peroxisomal membrane protein PEX15'
2 water water
#
_entity_poly.entity_id   1
_entity_poly.type   'polypeptide(L)'
_entity_poly.pdbx_seq_one_letter_code
;(MSE)SEVFQECVNLFIKRDIKDCLEK(MSE)SEVGFIDITVFKSNP(MSE)ILDLFVSACDI(MSE)PSFTKLGLTLQS
EILNIFTLDTPQCIETRKIILGDLSKLLVINKFFRCCIKVIQFNLTDHTEQEEKTLELESI(MSE)SDFIFVYITK
(MSE)RTTIDVVGLQELIEIFIFQVKVKLHHKKPSPN(MSE)YWALCKTLPKLSPTLKGLYLSKDVSIEDAILNSIDNKI
QKDKLEVLFQ
;
_entity_poly.pdbx_strand_id   A
#
# COMPACT_ATOMS: atom_id res chain seq x y z
N SER A 2 -26.11 11.02 -0.42
CA SER A 2 -26.72 11.65 0.75
C SER A 2 -26.01 12.96 1.08
N GLU A 3 -26.72 13.84 1.78
CA GLU A 3 -26.12 15.10 2.21
C GLU A 3 -24.91 14.85 3.09
N VAL A 4 -24.99 13.86 3.99
CA VAL A 4 -23.87 13.61 4.89
C VAL A 4 -22.65 13.12 4.12
N PHE A 5 -22.85 12.22 3.15
CA PHE A 5 -21.72 11.78 2.33
C PHE A 5 -21.12 12.95 1.57
N GLN A 6 -21.97 13.85 1.05
CA GLN A 6 -21.45 15.03 0.37
C GLN A 6 -20.61 15.88 1.31
N GLU A 7 -21.02 16.00 2.57
CA GLU A 7 -20.23 16.74 3.54
C GLU A 7 -18.85 16.14 3.70
N CYS A 8 -18.77 14.80 3.73
CA CYS A 8 -17.46 14.14 3.82
C CYS A 8 -16.64 14.41 2.57
N VAL A 9 -17.26 14.35 1.39
CA VAL A 9 -16.55 14.65 0.15
C VAL A 9 -16.01 16.07 0.17
N ASN A 10 -16.83 17.02 0.62
CA ASN A 10 -16.40 18.42 0.63
C ASN A 10 -15.20 18.62 1.53
N LEU A 11 -15.17 17.94 2.68
CA LEU A 11 -14.01 18.02 3.56
C LEU A 11 -12.77 17.44 2.88
N PHE A 12 -12.94 16.34 2.14
CA PHE A 12 -11.81 15.76 1.41
C PHE A 12 -11.27 16.73 0.37
N ILE A 13 -12.17 17.37 -0.39
CA ILE A 13 -11.75 18.31 -1.42
C ILE A 13 -10.90 19.43 -0.83
N LYS A 14 -11.27 19.89 0.36
CA LYS A 14 -10.51 20.94 1.05
C LYS A 14 -9.27 20.41 1.74
N ARG A 15 -8.98 19.11 1.62
CA ARG A 15 -7.87 18.47 2.31
C ARG A 15 -7.95 18.68 3.83
N ASP A 16 -9.18 18.79 4.34
CA ASP A 16 -9.44 18.65 5.77
C ASP A 16 -9.64 17.16 6.08
N ILE A 17 -8.53 16.43 5.97
CA ILE A 17 -8.61 14.97 5.92
C ILE A 17 -9.01 14.40 7.28
N LYS A 18 -8.41 14.91 8.36
CA LYS A 18 -8.81 14.44 9.69
C LYS A 18 -10.29 14.71 9.94
N ASP A 19 -10.77 15.90 9.58
CA ASP A 19 -12.19 16.21 9.75
C ASP A 19 -13.04 15.31 8.88
N CYS A 20 -12.61 15.04 7.66
CA CYS A 20 -13.33 14.10 6.79
C CYS A 20 -13.49 12.75 7.48
N LEU A 21 -12.39 12.18 7.97
CA LEU A 21 -12.44 10.86 8.59
C LEU A 21 -13.26 10.88 9.88
N GLU A 22 -13.13 11.94 10.69
CA GLU A 22 -13.92 12.01 11.92
C GLU A 22 -15.42 12.06 11.60
N LYS A 23 -15.80 12.75 10.52
CA LYS A 23 -17.20 12.80 10.15
C LYS A 23 -17.69 11.44 9.64
N SER A 25 -16.61 8.63 10.59
CA SER A 25 -16.77 7.84 11.80
C SER A 25 -18.02 8.22 12.56
N GLU A 26 -18.27 9.53 12.70
CA GLU A 26 -19.43 10.01 13.44
C GLU A 26 -20.73 9.45 12.85
N VAL A 27 -20.82 9.37 11.52
CA VAL A 27 -22.06 8.95 10.88
C VAL A 27 -22.14 7.44 10.67
N GLY A 28 -21.06 6.71 10.93
CA GLY A 28 -21.08 5.26 10.84
C GLY A 28 -20.63 4.68 9.51
N PHE A 29 -19.93 5.44 8.68
CA PHE A 29 -19.53 4.97 7.36
C PHE A 29 -18.35 4.00 7.40
N ILE A 30 -17.54 4.02 8.44
CA ILE A 30 -16.30 3.20 8.48
C ILE A 30 -16.73 1.82 8.95
N ASP A 31 -17.27 1.03 8.02
CA ASP A 31 -17.95 -0.22 8.35
C ASP A 31 -17.97 -1.07 7.08
N ILE A 32 -17.44 -2.29 7.17
CA ILE A 32 -17.36 -3.15 5.98
C ILE A 32 -18.74 -3.33 5.35
N THR A 33 -19.80 -3.38 6.16
CA THR A 33 -21.14 -3.53 5.61
C THR A 33 -21.51 -2.34 4.73
N VAL A 34 -21.13 -1.14 5.15
CA VAL A 34 -21.37 0.05 4.34
C VAL A 34 -20.50 0.02 3.09
N PHE A 35 -19.22 -0.37 3.25
CA PHE A 35 -18.31 -0.43 2.11
C PHE A 35 -18.84 -1.34 1.02
N LYS A 36 -19.37 -2.51 1.39
CA LYS A 36 -19.86 -3.45 0.40
C LYS A 36 -21.05 -2.89 -0.38
N SER A 37 -21.85 -2.04 0.25
CA SER A 37 -23.04 -1.49 -0.40
C SER A 37 -22.79 -0.18 -1.13
N ASN A 38 -21.66 0.50 -0.86
CA ASN A 38 -21.39 1.81 -1.42
C ASN A 38 -19.92 1.89 -1.82
N PRO A 39 -19.59 1.48 -3.04
CA PRO A 39 -18.18 1.50 -3.46
C PRO A 39 -17.49 2.84 -3.30
N ILE A 41 -18.01 5.17 -1.01
CA ILE A 41 -17.69 5.41 0.39
C ILE A 41 -16.37 4.72 0.74
N LEU A 42 -16.20 3.47 0.31
CA LEU A 42 -14.93 2.78 0.50
C LEU A 42 -13.81 3.51 -0.21
N ASP A 43 -14.05 3.96 -1.45
CA ASP A 43 -13.01 4.66 -2.21
C ASP A 43 -12.56 5.93 -1.49
N LEU A 44 -13.51 6.71 -0.95
CA LEU A 44 -13.14 7.90 -0.21
C LEU A 44 -12.33 7.55 1.03
N PHE A 45 -12.79 6.55 1.78
CA PHE A 45 -12.11 6.17 3.01
C PHE A 45 -10.64 5.82 2.74
N VAL A 46 -10.39 4.99 1.72
CA VAL A 46 -9.02 4.58 1.42
C VAL A 46 -8.19 5.78 0.97
N SER A 47 -8.77 6.66 0.15
CA SER A 47 -8.03 7.81 -0.33
C SER A 47 -7.68 8.76 0.82
N ALA A 48 -8.62 8.97 1.74
CA ALA A 48 -8.36 9.85 2.87
C ALA A 48 -7.29 9.25 3.79
N CYS A 49 -7.40 7.96 4.09
CA CYS A 49 -6.40 7.32 4.95
C CYS A 49 -5.02 7.34 4.32
N ASP A 50 -4.94 7.26 2.99
CA ASP A 50 -3.64 7.27 2.34
C ASP A 50 -2.93 8.61 2.51
N ILE A 51 -3.69 9.69 2.70
CA ILE A 51 -3.07 11.01 2.88
C ILE A 51 -2.59 11.22 4.30
N PRO A 53 -0.59 11.17 7.52
CA PRO A 53 0.78 10.70 7.83
C PRO A 53 0.78 9.42 8.66
N SER A 54 -0.13 9.33 9.62
CA SER A 54 -0.28 8.14 10.45
C SER A 54 -1.68 8.17 11.03
N PHE A 55 -2.05 7.07 11.71
N PHE A 55 -2.05 7.05 11.66
CA PHE A 55 -3.38 6.95 12.30
CA PHE A 55 -3.35 6.89 12.31
C PHE A 55 -3.36 7.18 13.81
C PHE A 55 -3.23 6.91 13.82
N THR A 56 -2.25 7.66 14.36
CA THR A 56 -2.04 7.70 15.80
C THR A 56 -2.54 8.97 16.48
N LYS A 57 -2.75 10.05 15.74
CA LYS A 57 -3.16 11.31 16.34
C LYS A 57 -4.67 11.51 16.32
N LEU A 58 -5.43 10.52 15.89
CA LEU A 58 -6.87 10.63 15.74
C LEU A 58 -7.59 10.23 17.02
N GLY A 59 -8.87 10.57 17.09
CA GLY A 59 -9.68 10.16 18.23
C GLY A 59 -9.74 8.65 18.36
N LEU A 60 -10.01 8.19 19.58
CA LEU A 60 -9.92 6.77 19.88
C LEU A 60 -10.92 5.96 19.06
N THR A 61 -12.17 6.42 18.96
CA THR A 61 -13.17 5.69 18.20
C THR A 61 -12.78 5.60 16.72
N LEU A 62 -12.41 6.74 16.13
CA LEU A 62 -11.97 6.73 14.73
C LEU A 62 -10.76 5.82 14.55
N GLN A 63 -9.80 5.88 15.47
CA GLN A 63 -8.61 5.06 15.35
C GLN A 63 -8.96 3.58 15.37
N SER A 64 -9.86 3.17 16.27
CA SER A 64 -10.23 1.77 16.35
C SER A 64 -10.92 1.31 15.07
N GLU A 65 -11.71 2.18 14.45
CA GLU A 65 -12.42 1.81 13.24
C GLU A 65 -11.48 1.72 12.05
N ILE A 66 -10.50 2.61 11.96
CA ILE A 66 -9.48 2.49 10.92
C ILE A 66 -8.68 1.21 11.11
N LEU A 67 -8.24 0.95 12.34
CA LEU A 67 -7.42 -0.23 12.61
C LEU A 67 -8.14 -1.52 12.23
N ASN A 68 -9.47 -1.56 12.38
N ASN A 68 -9.47 -1.56 12.39
CA ASN A 68 -10.21 -2.76 12.02
CA ASN A 68 -10.21 -2.76 12.02
C ASN A 68 -10.13 -3.03 10.53
C ASN A 68 -10.12 -3.03 10.52
N ILE A 69 -10.01 -1.98 9.70
CA ILE A 69 -9.99 -2.17 8.27
C ILE A 69 -8.60 -2.56 7.76
N PHE A 70 -7.54 -2.14 8.44
CA PHE A 70 -6.18 -2.30 7.93
C PHE A 70 -5.29 -3.18 8.80
N THR A 71 -5.84 -3.82 9.83
CA THR A 71 -5.11 -4.83 10.61
C THR A 71 -5.35 -6.18 9.95
N LEU A 72 -4.26 -6.84 9.55
CA LEU A 72 -4.34 -7.87 8.51
C LEU A 72 -5.23 -9.04 8.88
N ASP A 73 -5.31 -9.40 10.16
CA ASP A 73 -5.99 -10.62 10.56
C ASP A 73 -7.40 -10.38 11.11
N THR A 74 -7.93 -9.15 11.01
CA THR A 74 -9.32 -8.97 11.43
C THR A 74 -10.27 -9.47 10.35
N PRO A 75 -11.47 -9.91 10.74
CA PRO A 75 -12.47 -10.27 9.70
C PRO A 75 -12.75 -9.13 8.75
N GLN A 76 -12.80 -7.89 9.24
CA GLN A 76 -13.14 -6.76 8.40
C GLN A 76 -12.04 -6.46 7.39
N CYS A 77 -10.77 -6.60 7.80
CA CYS A 77 -9.67 -6.38 6.86
C CYS A 77 -9.64 -7.46 5.80
N ILE A 78 -9.86 -8.72 6.20
CA ILE A 78 -9.91 -9.81 5.23
C ILE A 78 -10.99 -9.55 4.19
N GLU A 79 -12.17 -9.10 4.64
CA GLU A 79 -13.26 -8.82 3.70
C GLU A 79 -12.94 -7.62 2.83
N THR A 80 -12.39 -6.55 3.42
CA THR A 80 -12.02 -5.37 2.64
C THR A 80 -10.97 -5.72 1.60
N ARG A 81 -9.98 -6.53 1.99
CA ARG A 81 -8.94 -6.96 1.06
C ARG A 81 -9.54 -7.71 -0.13
N LYS A 82 -10.51 -8.60 0.13
CA LYS A 82 -11.14 -9.31 -0.96
C LYS A 82 -11.82 -8.36 -1.95
N ILE A 83 -12.42 -7.28 -1.44
CA ILE A 83 -13.09 -6.33 -2.31
C ILE A 83 -12.07 -5.54 -3.12
N ILE A 84 -11.03 -5.02 -2.45
CA ILE A 84 -10.08 -4.13 -3.13
CA ILE A 84 -10.08 -4.14 -3.12
C ILE A 84 -9.18 -4.93 -4.05
N LEU A 85 -8.57 -6.01 -3.54
CA LEU A 85 -7.72 -6.84 -4.40
C LEU A 85 -8.52 -7.55 -5.47
N GLY A 86 -9.85 -7.66 -5.31
CA GLY A 86 -10.68 -8.30 -6.29
C GLY A 86 -10.94 -7.48 -7.54
N ASP A 87 -10.72 -6.16 -7.47
CA ASP A 87 -10.87 -5.29 -8.64
C ASP A 87 -9.47 -5.05 -9.20
N LEU A 88 -9.02 -5.97 -10.04
CA LEU A 88 -7.68 -5.87 -10.63
C LEU A 88 -7.54 -4.68 -11.57
N SER A 89 -8.64 -4.02 -11.95
CA SER A 89 -8.55 -2.87 -12.82
C SER A 89 -8.21 -1.58 -12.09
N LYS A 90 -8.20 -1.60 -10.75
CA LYS A 90 -7.89 -0.41 -9.94
C LYS A 90 -6.66 -0.71 -9.09
N LEU A 91 -5.52 -0.88 -9.74
CA LEU A 91 -4.30 -1.23 -9.03
C LEU A 91 -3.80 -0.08 -8.15
N LEU A 92 -4.04 1.17 -8.54
CA LEU A 92 -3.58 2.29 -7.71
C LEU A 92 -4.30 2.31 -6.37
N VAL A 93 -5.56 1.86 -6.33
CA VAL A 93 -6.27 1.78 -5.05
C VAL A 93 -5.75 0.61 -4.23
N ILE A 94 -5.46 -0.52 -4.88
CA ILE A 94 -4.80 -1.63 -4.21
C ILE A 94 -3.51 -1.14 -3.55
N ASN A 95 -2.75 -0.31 -4.26
CA ASN A 95 -1.51 0.21 -3.70
C ASN A 95 -1.78 1.11 -2.50
N LYS A 96 -2.81 1.96 -2.58
CA LYS A 96 -3.19 2.76 -1.42
C LYS A 96 -3.54 1.88 -0.23
N PHE A 97 -4.29 0.80 -0.46
CA PHE A 97 -4.66 -0.10 0.63
C PHE A 97 -3.42 -0.69 1.29
N PHE A 98 -2.47 -1.18 0.48
CA PHE A 98 -1.25 -1.74 1.06
C PHE A 98 -0.50 -0.68 1.88
N ARG A 99 -0.44 0.55 1.38
CA ARG A 99 0.24 1.60 2.13
C ARG A 99 -0.45 1.86 3.47
N CYS A 100 -1.78 1.73 3.50
CA CYS A 100 -2.50 1.91 4.76
C CYS A 100 -2.19 0.79 5.74
N CYS A 101 -2.09 -0.46 5.25
CA CYS A 101 -1.67 -1.56 6.11
C CYS A 101 -0.29 -1.32 6.67
N ILE A 102 0.62 -0.81 5.84
CA ILE A 102 1.98 -0.50 6.28
C ILE A 102 1.96 0.55 7.37
N LYS A 103 1.10 1.56 7.21
CA LYS A 103 1.05 2.64 8.20
CA LYS A 103 1.03 2.65 8.19
C LYS A 103 0.63 2.13 9.57
N VAL A 104 -0.24 1.11 9.61
CA VAL A 104 -0.62 0.52 10.90
C VAL A 104 0.57 -0.16 11.54
N ILE A 105 1.26 -1.01 10.79
CA ILE A 105 2.42 -1.71 11.33
C ILE A 105 3.49 -0.73 11.80
N GLN A 106 3.71 0.33 11.01
CA GLN A 106 4.83 1.22 11.26
C GLN A 106 4.61 2.09 12.50
N PHE A 107 3.38 2.56 12.71
CA PHE A 107 3.13 3.57 13.74
C PHE A 107 2.21 3.11 14.87
N ASN A 108 1.25 2.22 14.61
CA ASN A 108 0.33 1.80 15.65
C ASN A 108 0.86 0.66 16.49
N LEU A 109 1.80 -0.14 15.97
CA LEU A 109 2.42 -1.22 16.72
C LEU A 109 3.69 -0.72 17.41
N THR A 110 3.84 -1.09 18.68
CA THR A 110 5.01 -0.68 19.46
C THR A 110 6.03 -1.80 19.62
N ASP A 111 5.59 -3.05 19.69
CA ASP A 111 6.50 -4.17 19.91
C ASP A 111 7.14 -4.58 18.60
N HIS A 112 8.47 -4.48 18.54
CA HIS A 112 9.18 -4.84 17.31
C HIS A 112 8.94 -6.28 16.92
N THR A 113 8.78 -7.18 17.90
CA THR A 113 8.49 -8.58 17.58
C THR A 113 7.15 -8.70 16.85
N GLU A 114 6.15 -7.95 17.32
CA GLU A 114 4.84 -8.00 16.66
C GLU A 114 4.88 -7.29 15.31
N GLN A 115 5.66 -6.21 15.20
CA GLN A 115 5.83 -5.56 13.90
C GLN A 115 6.42 -6.52 12.88
N GLU A 116 7.46 -7.25 13.28
CA GLU A 116 8.05 -8.24 12.38
C GLU A 116 7.03 -9.30 11.98
N GLU A 117 6.25 -9.78 12.95
CA GLU A 117 5.25 -10.80 12.67
C GLU A 117 4.28 -10.32 11.59
N LYS A 118 3.75 -9.10 11.74
CA LYS A 118 2.80 -8.59 10.75
C LYS A 118 3.48 -8.23 9.44
N THR A 119 4.74 -7.78 9.48
CA THR A 119 5.46 -7.50 8.25
C THR A 119 5.61 -8.76 7.41
N LEU A 120 5.95 -9.89 8.05
CA LEU A 120 6.05 -11.14 7.32
C LEU A 120 4.70 -11.55 6.73
N GLU A 121 3.61 -11.34 7.47
CA GLU A 121 2.28 -11.62 6.94
C GLU A 121 2.00 -10.75 5.72
N LEU A 122 2.35 -9.47 5.79
CA LEU A 122 2.12 -8.58 4.66
C LEU A 122 2.96 -8.99 3.46
N GLU A 123 4.20 -9.41 3.68
CA GLU A 123 5.04 -9.85 2.59
C GLU A 123 4.37 -10.98 1.80
N SER A 124 3.82 -11.97 2.51
CA SER A 124 3.13 -13.07 1.86
C SER A 124 1.91 -12.59 1.10
N ILE A 125 1.10 -11.74 1.74
CA ILE A 125 -0.10 -11.22 1.09
C ILE A 125 0.26 -10.51 -0.21
N SER A 127 3.19 -10.63 -2.05
CA SER A 127 3.82 -11.44 -3.08
C SER A 127 2.81 -12.40 -3.72
N ASP A 128 1.91 -12.97 -2.91
CA ASP A 128 0.83 -13.76 -3.49
C ASP A 128 0.00 -12.93 -4.47
N PHE A 129 -0.30 -11.69 -4.10
CA PHE A 129 -1.12 -10.87 -4.99
C PHE A 129 -0.37 -10.50 -6.26
N ILE A 130 0.93 -10.21 -6.15
CA ILE A 130 1.71 -9.89 -7.35
C ILE A 130 1.61 -11.02 -8.37
N PHE A 131 1.70 -12.27 -7.90
CA PHE A 131 1.56 -13.40 -8.82
C PHE A 131 0.19 -13.41 -9.47
N VAL A 132 -0.86 -13.22 -8.66
CA VAL A 132 -2.22 -13.16 -9.21
C VAL A 132 -2.31 -12.08 -10.27
N TYR A 133 -1.76 -10.90 -9.99
CA TYR A 133 -1.94 -9.77 -10.90
C TYR A 133 -1.24 -10.02 -12.24
N ILE A 134 0.03 -10.43 -12.20
CA ILE A 134 0.78 -10.57 -13.44
C ILE A 134 0.30 -11.77 -14.25
N THR A 135 -0.41 -12.71 -13.64
N THR A 135 -0.38 -12.72 -13.62
CA THR A 135 -0.95 -13.84 -14.39
CA THR A 135 -0.95 -13.86 -14.33
C THR A 135 -2.35 -13.57 -14.91
C THR A 135 -2.32 -13.49 -14.92
N LYS A 136 -3.24 -13.03 -14.06
CA LYS A 136 -4.61 -12.78 -14.48
C LYS A 136 -4.73 -11.58 -15.41
N ARG A 138 -2.17 -10.43 -17.48
CA ARG A 138 -1.28 -10.51 -18.63
C ARG A 138 -2.03 -10.09 -19.89
N THR A 139 -1.41 -9.19 -20.67
CA THR A 139 -1.98 -8.55 -21.87
C THR A 139 -2.72 -7.27 -21.52
N THR A 140 -3.09 -7.09 -20.25
CA THR A 140 -3.81 -5.89 -19.81
C THR A 140 -3.21 -5.35 -18.51
N ILE A 141 -1.89 -5.16 -18.49
CA ILE A 141 -1.16 -4.71 -17.30
C ILE A 141 -1.17 -3.20 -17.21
N ASP A 142 -1.41 -2.68 -16.00
CA ASP A 142 -1.19 -1.29 -15.66
C ASP A 142 0.29 -1.13 -15.31
N VAL A 143 1.06 -0.64 -16.28
N VAL A 143 1.07 -0.63 -16.27
CA VAL A 143 2.52 -0.61 -16.14
CA VAL A 143 2.53 -0.65 -16.10
C VAL A 143 2.93 0.28 -14.98
C VAL A 143 2.95 0.29 -14.98
N VAL A 144 2.36 1.49 -14.91
CA VAL A 144 2.76 2.43 -13.87
C VAL A 144 2.30 1.93 -12.50
N GLY A 145 1.07 1.40 -12.42
CA GLY A 145 0.61 0.85 -11.16
C GLY A 145 1.44 -0.33 -10.69
N LEU A 146 1.89 -1.16 -11.64
CA LEU A 146 2.70 -2.32 -11.28
C LEU A 146 4.08 -1.91 -10.79
N GLN A 147 4.71 -0.94 -11.45
CA GLN A 147 5.97 -0.39 -10.93
C GLN A 147 5.77 0.09 -9.50
N GLU A 148 4.69 0.84 -9.24
CA GLU A 148 4.46 1.36 -7.90
C GLU A 148 4.29 0.23 -6.90
N LEU A 149 3.57 -0.83 -7.29
CA LEU A 149 3.33 -1.96 -6.39
C LEU A 149 4.65 -2.62 -5.98
N ILE A 150 5.54 -2.86 -6.93
CA ILE A 150 6.80 -3.50 -6.60
C ILE A 150 7.65 -2.58 -5.74
N GLU A 151 7.58 -1.27 -6.00
CA GLU A 151 8.40 -0.34 -5.23
C GLU A 151 7.87 -0.17 -3.80
N ILE A 152 6.55 -0.33 -3.59
CA ILE A 152 6.05 -0.42 -2.23
C ILE A 152 6.66 -1.61 -1.53
N PHE A 153 6.61 -2.78 -2.18
CA PHE A 153 7.15 -3.99 -1.57
C PHE A 153 8.61 -3.81 -1.18
N ILE A 154 9.42 -3.27 -2.08
CA ILE A 154 10.85 -3.16 -1.82
C ILE A 154 11.14 -2.04 -0.83
N PHE A 155 10.65 -0.82 -1.11
CA PHE A 155 11.09 0.34 -0.34
C PHE A 155 10.33 0.48 0.98
N GLN A 156 9.04 0.16 1.01
CA GLN A 156 8.27 0.33 2.23
C GLN A 156 8.29 -0.91 3.12
N VAL A 157 8.35 -2.11 2.55
CA VAL A 157 8.29 -3.33 3.35
C VAL A 157 9.68 -3.86 3.61
N LYS A 158 10.43 -4.21 2.55
CA LYS A 158 11.74 -4.82 2.76
C LYS A 158 12.72 -3.84 3.40
N VAL A 159 12.66 -2.57 3.01
CA VAL A 159 13.57 -1.56 3.54
C VAL A 159 13.01 -0.99 4.84
N LYS A 160 11.90 -0.26 4.75
CA LYS A 160 11.46 0.57 5.88
C LYS A 160 10.98 -0.30 7.06
N LEU A 161 10.04 -1.22 6.82
CA LEU A 161 9.45 -1.95 7.94
C LEU A 161 10.49 -2.84 8.62
N HIS A 162 11.49 -3.32 7.89
CA HIS A 162 12.56 -4.11 8.48
C HIS A 162 13.75 -3.28 8.93
N HIS A 163 13.74 -1.97 8.67
CA HIS A 163 14.88 -1.11 9.02
C HIS A 163 16.17 -1.62 8.39
N LYS A 164 16.09 -1.98 7.12
N LYS A 164 16.11 -1.90 7.09
CA LYS A 164 17.24 -2.48 6.39
CA LYS A 164 17.20 -2.54 6.35
C LYS A 164 17.66 -1.49 5.31
C LYS A 164 17.58 -1.71 5.14
N LYS A 165 18.88 -1.62 4.87
CA LYS A 165 19.38 -0.76 3.80
C LYS A 165 18.93 -1.28 2.44
N PRO A 166 18.68 -0.38 1.49
CA PRO A 166 18.26 -0.82 0.15
C PRO A 166 19.40 -1.52 -0.58
N SER A 167 19.03 -2.53 -1.37
CA SER A 167 20.00 -3.33 -2.13
C SER A 167 19.32 -3.90 -3.36
N PRO A 168 20.01 -3.96 -4.50
CA PRO A 168 19.42 -4.66 -5.65
C PRO A 168 19.07 -6.10 -5.35
N ASN A 169 19.73 -6.72 -4.36
CA ASN A 169 19.46 -8.12 -4.02
C ASN A 169 18.03 -8.32 -3.55
N TYR A 171 15.41 -7.00 -5.02
CA TYR A 171 14.67 -7.25 -6.25
C TYR A 171 14.93 -8.66 -6.76
N TRP A 172 16.20 -9.04 -6.85
CA TRP A 172 16.52 -10.37 -7.35
C TRP A 172 15.97 -11.46 -6.44
N ALA A 173 15.94 -11.22 -5.13
CA ALA A 173 15.37 -12.20 -4.21
C ALA A 173 13.88 -12.39 -4.47
N LEU A 174 13.14 -11.29 -4.64
CA LEU A 174 11.73 -11.38 -4.97
C LEU A 174 11.52 -12.17 -6.26
N CYS A 175 12.35 -11.91 -7.27
CA CYS A 175 12.22 -12.60 -8.55
C CYS A 175 12.52 -14.10 -8.44
N LYS A 176 13.30 -14.53 -7.45
CA LYS A 176 13.55 -15.95 -7.26
C LYS A 176 12.38 -16.65 -6.57
N THR A 177 11.64 -15.93 -5.72
CA THR A 177 10.42 -16.49 -5.14
C THR A 177 9.26 -16.46 -6.12
N LEU A 178 9.29 -15.54 -7.09
CA LEU A 178 8.23 -15.36 -8.07
CA LEU A 178 8.23 -15.36 -8.07
C LEU A 178 8.87 -15.42 -9.45
N PRO A 179 9.15 -16.63 -9.96
CA PRO A 179 9.91 -16.74 -11.22
C PRO A 179 9.26 -16.07 -12.42
N LYS A 180 7.94 -15.86 -12.41
CA LYS A 180 7.29 -15.17 -13.52
C LYS A 180 7.58 -13.67 -13.53
N LEU A 181 8.18 -13.13 -12.47
CA LEU A 181 8.17 -11.68 -12.29
C LEU A 181 9.15 -10.98 -13.23
N SER A 182 10.42 -11.37 -13.19
CA SER A 182 11.41 -10.69 -14.04
C SER A 182 11.02 -10.76 -15.51
N PRO A 183 10.62 -11.91 -16.07
CA PRO A 183 10.16 -11.92 -17.47
C PRO A 183 9.05 -10.91 -17.74
N THR A 184 8.05 -10.82 -16.87
CA THR A 184 6.99 -9.83 -17.05
C THR A 184 7.56 -8.42 -17.02
N LEU A 185 8.32 -8.10 -15.97
CA LEU A 185 8.77 -6.72 -15.79
C LEU A 185 9.79 -6.28 -16.84
N LYS A 186 10.56 -7.23 -17.38
CA LYS A 186 11.49 -6.89 -18.45
C LYS A 186 10.80 -6.67 -19.79
N GLY A 187 9.60 -7.23 -19.98
CA GLY A 187 8.89 -7.15 -21.23
C GLY A 187 7.87 -6.05 -21.31
N LEU A 188 7.68 -5.28 -20.24
CA LEU A 188 6.75 -4.17 -20.19
C LEU A 188 7.53 -2.88 -20.03
N TYR A 189 7.11 -1.84 -20.76
CA TYR A 189 7.91 -0.64 -20.92
C TYR A 189 7.19 0.60 -20.40
N LEU A 190 7.90 1.39 -19.60
CA LEU A 190 7.43 2.71 -19.21
C LEU A 190 7.73 3.74 -20.29
N SER A 191 8.81 3.52 -21.03
CA SER A 191 9.18 4.35 -22.18
C SER A 191 10.09 3.51 -23.06
N LYS A 192 10.45 4.06 -24.22
CA LYS A 192 11.30 3.32 -25.13
C LYS A 192 12.59 2.91 -24.43
N ASP A 193 12.89 1.61 -24.48
CA ASP A 193 14.12 1.05 -23.93
C ASP A 193 14.22 1.20 -22.42
N VAL A 194 13.09 1.46 -21.73
CA VAL A 194 13.06 1.50 -20.27
C VAL A 194 11.91 0.60 -19.81
N SER A 195 12.26 -0.62 -19.39
CA SER A 195 11.28 -1.57 -18.88
C SER A 195 10.97 -1.28 -17.42
N ILE A 196 9.93 -1.93 -16.90
CA ILE A 196 9.63 -1.81 -15.47
C ILE A 196 10.83 -2.27 -14.65
N GLU A 197 11.46 -3.38 -15.06
CA GLU A 197 12.64 -3.86 -14.35
C GLU A 197 13.74 -2.81 -14.36
N ASP A 198 14.01 -2.21 -15.52
CA ASP A 198 15.00 -1.15 -15.62
C ASP A 198 14.69 -0.03 -14.62
N ALA A 199 13.42 0.40 -14.58
CA ALA A 199 13.04 1.52 -13.74
C ALA A 199 13.21 1.18 -12.25
N ILE A 200 12.80 -0.03 -11.85
CA ILE A 200 12.91 -0.42 -10.45
C ILE A 200 14.36 -0.45 -10.02
N LEU A 201 15.23 -1.05 -10.84
CA LEU A 201 16.64 -1.11 -10.49
C LEU A 201 17.25 0.29 -10.40
N ASN A 202 16.85 1.18 -11.31
CA ASN A 202 17.31 2.57 -11.22
C ASN A 202 16.82 3.23 -9.94
N SER A 203 15.56 2.99 -9.58
CA SER A 203 15.04 3.55 -8.33
C SER A 203 15.82 3.04 -7.13
N ILE A 204 16.19 1.76 -7.12
CA ILE A 204 16.98 1.21 -6.03
C ILE A 204 18.33 1.91 -5.95
N ASP A 205 18.98 2.11 -7.10
N ASP A 205 18.98 2.11 -7.10
CA ASP A 205 20.27 2.78 -7.11
CA ASP A 205 20.27 2.78 -7.11
C ASP A 205 20.16 4.19 -6.56
C ASP A 205 20.16 4.19 -6.56
N ASN A 206 19.13 4.93 -6.97
CA ASN A 206 18.95 6.29 -6.46
C ASN A 206 18.67 6.28 -4.96
N LYS A 207 17.91 5.30 -4.48
CA LYS A 207 17.60 5.22 -3.05
C LYS A 207 18.86 4.91 -2.25
N ILE A 208 19.75 4.08 -2.78
CA ILE A 208 21.01 3.79 -2.11
C ILE A 208 21.81 5.07 -1.91
N GLN A 209 21.92 5.88 -2.97
CA GLN A 209 22.68 7.12 -2.88
C GLN A 209 22.00 8.11 -1.95
N LYS A 210 20.67 8.19 -2.00
CA LYS A 210 19.94 9.07 -1.09
C LYS A 210 20.19 8.67 0.37
N ASP A 211 20.11 7.37 0.66
N ASP A 211 20.10 7.37 0.65
CA ASP A 211 20.34 6.91 2.04
CA ASP A 211 20.35 6.87 2.00
C ASP A 211 21.78 7.15 2.47
C ASP A 211 21.77 7.18 2.45
N LYS A 212 22.73 7.08 1.55
CA LYS A 212 24.13 7.29 1.92
C LYS A 212 24.44 8.76 2.15
N LEU A 213 23.84 9.66 1.37
CA LEU A 213 24.36 11.02 1.24
C LEU A 213 23.44 12.12 1.73
N GLU A 214 22.12 11.93 1.68
CA GLU A 214 21.21 13.07 1.89
C GLU A 214 21.42 13.71 3.25
N VAL A 215 21.56 12.90 4.30
CA VAL A 215 21.74 13.46 5.64
C VAL A 215 23.08 14.17 5.75
N LEU A 216 24.12 13.68 5.05
CA LEU A 216 25.41 14.36 5.06
C LEU A 216 25.30 15.78 4.53
N PHE A 217 24.39 16.02 3.59
CA PHE A 217 24.28 17.31 2.93
C PHE A 217 23.37 18.29 3.67
N GLN A 218 22.67 17.84 4.71
CA GLN A 218 21.71 18.70 5.40
C GLN A 218 22.39 19.84 6.12
#